data_4WRZ
#
_entry.id   4WRZ
#
_cell.length_a   38.908
_cell.length_b   63.626
_cell.length_c   45.094
_cell.angle_alpha   90.00
_cell.angle_beta   112.78
_cell.angle_gamma   90.00
#
_symmetry.space_group_name_H-M   'P 1 21 1'
#
loop_
_entity.id
_entity.type
_entity.pdbx_description
1 polymer 'Uracil-DNA glycosylase'
2 non-polymer 'CITRIC ACID'
3 non-polymer 5-FLUOROURACIL
4 non-polymer 'ISOPROPYL ALCOHOL'
5 non-polymer 'CHLORIDE ION'
6 water water
#
_entity_poly.entity_id   1
_entity_poly.type   'polypeptide(L)'
_entity_poly.pdbx_seq_one_letter_code
;MHHHHHHGMASMTARPLSELVERGWAAALEPVADQVAHMGQFLRAEIAAGRRYLPAGSNVLRAFTFPFDNVRVLIVGQDP
YPTPGHAVGLSFSVAPDVRPWPRSLANIFDEYTADLGYPLPSNGDLTPWAQRGVLLLNRVLTVRPSNPASHRGKGWEAVT
ECAIRALAARAAPLVAILWGRDASTLKPMLAAGNCVAIESPHPSPLSASRGFFGSRPFSRANELLVGMGAEPIDWRLP
;
_entity_poly.pdbx_strand_id   A
#
loop_
_chem_comp.id
_chem_comp.type
_chem_comp.name
_chem_comp.formula
CIT non-polymer 'CITRIC ACID' 'C6 H8 O7'
CL non-polymer 'CHLORIDE ION' 'Cl -1'
IPA non-polymer 'ISOPROPYL ALCOHOL' 'C3 H8 O'
URF non-polymer 5-FLUOROURACIL 'C4 H3 F N2 O2'
#
# COMPACT_ATOMS: atom_id res chain seq x y z
N ALA A 10 -14.98 11.54 8.50
CA ALA A 10 -13.50 11.79 8.65
C ALA A 10 -12.86 10.79 9.62
N SER A 11 -13.39 10.73 10.85
CA SER A 11 -12.92 9.83 11.92
C SER A 11 -13.32 8.38 11.81
N MET A 12 -12.37 7.46 11.91
N MET A 12 -12.33 7.48 11.92
CA MET A 12 -12.71 6.06 11.68
CA MET A 12 -12.50 6.01 11.86
C MET A 12 -13.33 5.46 12.96
C MET A 12 -13.37 5.50 12.97
N THR A 13 -13.23 6.12 14.13
CA THR A 13 -14.02 5.74 15.29
C THR A 13 -15.49 6.14 15.12
N ALA A 14 -15.70 7.30 14.52
CA ALA A 14 -17.01 7.96 14.60
C ALA A 14 -17.85 7.70 13.39
N ARG A 15 -17.25 7.49 12.20
CA ARG A 15 -18.04 7.40 10.97
C ARG A 15 -17.85 6.09 10.28
N PRO A 16 -18.84 5.62 9.51
CA PRO A 16 -18.82 4.29 8.93
C PRO A 16 -18.04 4.24 7.65
N LEU A 17 -17.73 3.01 7.27
CA LEU A 17 -17.02 2.77 6.01
C LEU A 17 -17.67 3.44 4.83
N SER A 18 -19.01 3.48 4.79
CA SER A 18 -19.67 4.12 3.66
C SER A 18 -19.31 5.62 3.52
N GLU A 19 -18.90 6.27 4.61
CA GLU A 19 -18.44 7.62 4.56
C GLU A 19 -16.93 7.69 4.36
N LEU A 20 -16.17 6.75 4.93
CA LEU A 20 -14.72 6.84 4.95
C LEU A 20 -14.01 6.38 3.66
N VAL A 21 -14.62 5.45 2.96
CA VAL A 21 -13.92 4.84 1.81
C VAL A 21 -14.88 4.78 0.61
N GLU A 22 -14.32 4.47 -0.56
CA GLU A 22 -15.08 4.33 -1.80
C GLU A 22 -16.07 3.16 -1.66
N ARG A 23 -17.18 3.26 -2.43
CA ARG A 23 -18.28 2.37 -2.25
C ARG A 23 -17.91 0.88 -2.34
N GLY A 24 -17.15 0.49 -3.38
CA GLY A 24 -16.71 -0.88 -3.48
C GLY A 24 -15.87 -1.34 -2.31
N TRP A 25 -14.98 -0.44 -1.88
CA TRP A 25 -14.14 -0.77 -0.67
C TRP A 25 -14.99 -0.90 0.57
N ALA A 26 -16.05 -0.08 0.70
CA ALA A 26 -16.83 -0.15 1.92
C ALA A 26 -17.50 -1.54 2.03
N ALA A 27 -17.99 -2.08 0.90
CA ALA A 27 -18.54 -3.38 0.90
C ALA A 27 -17.47 -4.46 1.11
N ALA A 28 -16.32 -4.27 0.48
CA ALA A 28 -15.24 -5.23 0.58
C ALA A 28 -14.76 -5.38 2.04
N LEU A 29 -14.77 -4.26 2.76
CA LEU A 29 -14.29 -4.22 4.12
C LEU A 29 -15.36 -4.47 5.18
N GLU A 30 -16.57 -4.82 4.78
N GLU A 30 -16.56 -4.81 4.72
CA GLU A 30 -17.61 -5.02 5.78
CA GLU A 30 -17.63 -5.12 5.65
C GLU A 30 -17.22 -6.05 6.85
C GLU A 30 -17.22 -6.00 6.78
N PRO A 31 -16.52 -7.14 6.54
CA PRO A 31 -16.10 -8.05 7.63
C PRO A 31 -15.25 -7.43 8.69
N VAL A 32 -14.56 -6.31 8.37
CA VAL A 32 -13.72 -5.64 9.35
C VAL A 32 -14.27 -4.32 9.76
N ALA A 33 -15.58 -4.06 9.61
CA ALA A 33 -16.11 -2.74 9.99
C ALA A 33 -15.86 -2.45 11.48
N ASP A 34 -16.15 -3.40 12.35
CA ASP A 34 -15.93 -3.19 13.75
C ASP A 34 -14.45 -2.99 14.06
N GLN A 35 -13.62 -3.75 13.38
CA GLN A 35 -12.18 -3.68 13.56
C GLN A 35 -11.62 -2.30 13.16
N VAL A 36 -12.16 -1.71 12.08
CA VAL A 36 -11.72 -0.36 11.72
C VAL A 36 -12.12 0.64 12.80
N ALA A 37 -13.34 0.52 13.34
CA ALA A 37 -13.73 1.40 14.43
C ALA A 37 -12.81 1.18 15.64
N HIS A 38 -12.47 -0.07 15.91
CA HIS A 38 -11.52 -0.36 17.01
C HIS A 38 -10.18 0.31 16.78
N MET A 39 -9.74 0.36 15.54
CA MET A 39 -8.45 1.03 15.23
C MET A 39 -8.56 2.50 15.49
N GLY A 40 -9.72 3.10 15.19
CA GLY A 40 -9.93 4.50 15.55
C GLY A 40 -9.86 4.70 17.06
N GLN A 41 -10.41 3.77 17.85
CA GLN A 41 -10.32 3.81 19.27
C GLN A 41 -8.87 3.66 19.76
N PHE A 42 -8.10 2.80 19.10
CA PHE A 42 -6.69 2.65 19.41
C PHE A 42 -5.92 3.97 19.23
N LEU A 43 -6.18 4.61 18.10
CA LEU A 43 -5.50 5.89 17.82
C LEU A 43 -5.90 6.99 18.81
N ARG A 44 -7.16 7.01 19.17
CA ARG A 44 -7.62 7.93 20.22
C ARG A 44 -6.87 7.66 21.53
N ALA A 45 -6.72 6.40 21.91
CA ALA A 45 -6.04 6.06 23.11
C ALA A 45 -4.56 6.44 23.02
N GLU A 46 -3.93 6.32 21.87
CA GLU A 46 -2.54 6.74 21.71
C GLU A 46 -2.40 8.20 22.00
N ILE A 47 -3.28 9.01 21.40
CA ILE A 47 -3.21 10.46 21.62
CA ILE A 47 -3.21 10.45 21.62
C ILE A 47 -3.47 10.78 23.09
N ALA A 48 -4.45 10.14 23.71
CA ALA A 48 -4.73 10.35 25.12
C ALA A 48 -3.49 10.06 25.98
N ALA A 49 -2.72 9.05 25.61
CA ALA A 49 -1.52 8.66 26.30
C ALA A 49 -0.31 9.51 26.02
N GLY A 50 -0.39 10.37 25.04
CA GLY A 50 0.70 11.23 24.70
C GLY A 50 1.61 10.75 23.58
N ARG A 51 1.13 9.80 22.77
CA ARG A 51 1.88 9.33 21.61
C ARG A 51 1.16 9.80 20.37
N ARG A 52 1.88 10.04 19.32
CA ARG A 52 1.33 10.52 18.03
C ARG A 52 1.29 9.35 17.03
N TYR A 53 0.69 9.63 15.89
CA TYR A 53 0.68 8.62 14.83
C TYR A 53 0.74 9.30 13.44
N LEU A 54 1.15 8.54 12.46
CA LEU A 54 1.25 8.96 11.08
C LEU A 54 0.62 7.87 10.23
N PRO A 55 0.05 8.23 9.07
CA PRO A 55 -0.17 9.55 8.55
C PRO A 55 -1.30 10.23 9.34
N ALA A 56 -1.67 11.43 8.94
CA ALA A 56 -2.80 12.14 9.51
C ALA A 56 -4.05 11.27 9.45
N GLY A 57 -4.93 11.42 10.45
CA GLY A 57 -6.07 10.59 10.53
C GLY A 57 -6.90 10.53 9.25
N SER A 58 -7.09 11.67 8.61
CA SER A 58 -7.87 11.71 7.40
C SER A 58 -7.25 11.02 6.22
N ASN A 59 -5.96 10.69 6.31
CA ASN A 59 -5.27 9.95 5.28
C ASN A 59 -5.05 8.46 5.53
N VAL A 60 -5.39 8.01 6.74
CA VAL A 60 -5.05 6.60 7.10
C VAL A 60 -5.62 5.60 6.10
N LEU A 61 -6.87 5.81 5.71
CA LEU A 61 -7.57 4.89 4.78
C LEU A 61 -7.55 5.36 3.35
N ARG A 62 -6.65 6.29 3.01
CA ARG A 62 -6.67 6.90 1.68
C ARG A 62 -6.55 5.92 0.56
N ALA A 63 -5.82 4.82 0.72
CA ALA A 63 -5.67 3.85 -0.37
C ALA A 63 -7.05 3.31 -0.77
N PHE A 64 -7.99 3.27 0.13
CA PHE A 64 -9.31 2.73 -0.11
C PHE A 64 -10.29 3.76 -0.63
N THR A 65 -9.81 4.96 -0.99
CA THR A 65 -10.63 5.97 -1.65
C THR A 65 -10.54 5.94 -3.15
N PHE A 66 -9.68 5.09 -3.72
CA PHE A 66 -9.64 4.86 -5.16
C PHE A 66 -10.45 3.59 -5.39
N PRO A 67 -11.11 3.48 -6.53
CA PRO A 67 -12.11 2.40 -6.66
C PRO A 67 -11.60 0.97 -6.59
N PHE A 68 -12.23 0.21 -5.70
CA PHE A 68 -11.94 -1.21 -5.57
C PHE A 68 -12.01 -1.99 -6.85
N ASP A 69 -13.06 -1.74 -7.61
CA ASP A 69 -13.26 -2.45 -8.86
C ASP A 69 -12.20 -2.15 -9.91
N ASN A 70 -11.47 -1.06 -9.78
CA ASN A 70 -10.47 -0.68 -10.76
C ASN A 70 -9.08 -1.17 -10.43
N VAL A 71 -8.90 -1.77 -9.26
CA VAL A 71 -7.51 -2.22 -8.93
C VAL A 71 -7.09 -3.36 -9.87
N ARG A 72 -5.90 -3.21 -10.45
CA ARG A 72 -5.28 -4.26 -11.24
C ARG A 72 -4.00 -4.77 -10.60
N VAL A 73 -3.26 -3.88 -9.91
CA VAL A 73 -2.04 -4.24 -9.23
C VAL A 73 -2.13 -3.74 -7.82
N LEU A 74 -1.65 -4.57 -6.92
N LEU A 74 -1.69 -4.49 -6.83
CA LEU A 74 -1.55 -4.29 -5.52
CA LEU A 74 -1.47 -3.89 -5.51
C LEU A 74 -0.02 -4.13 -5.21
C LEU A 74 -0.05 -4.09 -5.14
N ILE A 75 0.45 -3.00 -4.59
CA ILE A 75 1.79 -2.92 -4.00
C ILE A 75 1.57 -2.89 -2.51
N VAL A 76 2.28 -3.73 -1.76
CA VAL A 76 2.17 -3.74 -0.32
C VAL A 76 3.53 -3.59 0.30
N GLY A 77 3.67 -2.57 1.17
CA GLY A 77 4.80 -2.43 2.04
C GLY A 77 4.49 -2.79 3.48
N GLN A 78 5.33 -2.28 4.38
CA GLN A 78 5.25 -2.66 5.76
C GLN A 78 4.32 -1.76 6.59
N ASP A 79 4.64 -0.46 6.64
CA ASP A 79 3.95 0.51 7.44
C ASP A 79 4.35 1.87 6.93
N PRO A 80 3.69 2.94 7.35
CA PRO A 80 3.99 4.24 6.77
C PRO A 80 5.34 4.81 7.13
N TYR A 81 5.78 5.77 6.33
CA TYR A 81 7.04 6.44 6.65
C TYR A 81 6.99 6.98 8.07
N PRO A 82 8.11 6.83 8.82
CA PRO A 82 8.12 7.26 10.22
C PRO A 82 8.38 8.73 10.48
N THR A 83 8.77 9.48 9.46
CA THR A 83 9.12 10.90 9.66
C THR A 83 7.94 11.77 9.44
N PRO A 84 7.55 12.63 10.40
CA PRO A 84 6.49 13.53 10.11
C PRO A 84 6.76 14.30 8.79
N GLY A 85 5.71 14.46 8.04
CA GLY A 85 5.74 15.18 6.75
C GLY A 85 5.94 14.26 5.53
N HIS A 86 6.16 12.96 5.74
CA HIS A 86 6.34 12.05 4.63
C HIS A 86 5.09 11.24 4.28
N ALA A 87 4.55 10.47 5.23
CA ALA A 87 3.45 9.55 4.87
C ALA A 87 2.19 10.31 4.53
N VAL A 88 1.51 9.86 3.47
CA VAL A 88 0.29 10.47 2.99
C VAL A 88 -0.85 9.50 2.85
N GLY A 89 -0.70 8.24 3.31
CA GLY A 89 -1.78 7.28 3.22
C GLY A 89 -1.80 6.45 1.97
N LEU A 90 -0.84 6.70 1.09
CA LEU A 90 -0.60 5.83 -0.09
C LEU A 90 0.81 5.31 0.12
N SER A 91 0.98 3.99 0.15
CA SER A 91 2.31 3.47 0.51
C SER A 91 3.37 4.03 -0.42
N PHE A 92 4.48 4.39 0.21
CA PHE A 92 5.70 4.90 -0.40
C PHE A 92 5.60 6.30 -1.00
N SER A 93 4.41 6.81 -1.18
CA SER A 93 4.26 8.11 -1.81
C SER A 93 4.60 9.27 -0.86
N VAL A 94 5.06 10.39 -1.41
CA VAL A 94 5.19 11.60 -0.66
C VAL A 94 4.50 12.72 -1.43
N ALA A 95 4.22 13.82 -0.75
CA ALA A 95 3.63 15.00 -1.39
C ALA A 95 4.59 15.49 -2.46
N PRO A 96 4.06 16.12 -3.52
CA PRO A 96 4.86 16.53 -4.63
C PRO A 96 5.93 17.54 -4.31
N ASP A 97 5.86 18.23 -3.16
CA ASP A 97 6.84 19.20 -2.75
C ASP A 97 7.91 18.64 -1.79
N VAL A 98 7.87 17.34 -1.53
CA VAL A 98 8.86 16.77 -0.61
C VAL A 98 10.18 16.51 -1.28
N ARG A 99 11.26 17.03 -0.67
CA ARG A 99 12.60 16.73 -1.08
C ARG A 99 13.51 16.94 0.13
N PRO A 100 14.54 16.14 0.32
CA PRO A 100 14.90 14.97 -0.49
C PRO A 100 13.86 13.84 -0.33
N TRP A 101 13.87 12.93 -1.26
CA TRP A 101 13.03 11.74 -1.18
C TRP A 101 13.49 10.83 -0.04
N PRO A 102 12.53 10.18 0.63
CA PRO A 102 12.95 9.12 1.55
C PRO A 102 13.80 8.08 0.83
N ARG A 103 14.70 7.47 1.59
CA ARG A 103 15.64 6.54 0.99
C ARG A 103 14.96 5.35 0.31
N SER A 104 13.89 4.83 0.89
CA SER A 104 13.20 3.72 0.27
C SER A 104 12.64 4.13 -1.11
N LEU A 105 12.13 5.37 -1.17
CA LEU A 105 11.58 5.84 -2.44
C LEU A 105 12.66 6.09 -3.45
N ALA A 106 13.80 6.64 -3.05
CA ALA A 106 14.91 6.77 -3.97
C ALA A 106 15.30 5.39 -4.51
N ASN A 107 15.29 4.37 -3.69
CA ASN A 107 15.59 3.04 -4.17
C ASN A 107 14.55 2.50 -5.11
N ILE A 108 13.25 2.68 -4.81
CA ILE A 108 12.20 2.33 -5.73
C ILE A 108 12.41 2.96 -7.09
N PHE A 109 12.70 4.27 -7.06
CA PHE A 109 12.87 4.97 -8.36
C PHE A 109 14.11 4.53 -9.10
N ASP A 110 15.15 4.17 -8.39
N ASP A 110 15.20 4.16 -8.40
CA ASP A 110 16.27 3.59 -9.04
CA ASP A 110 16.31 3.60 -9.13
C ASP A 110 15.95 2.28 -9.78
C ASP A 110 15.91 2.32 -9.84
N GLU A 111 15.13 1.44 -9.18
CA GLU A 111 14.69 0.22 -9.81
C GLU A 111 13.72 0.53 -10.94
N TYR A 112 12.84 1.50 -10.76
CA TYR A 112 11.94 1.97 -11.83
C TYR A 112 12.70 2.34 -13.06
N THR A 113 13.76 3.12 -12.93
CA THR A 113 14.51 3.54 -14.12
C THR A 113 15.25 2.35 -14.72
N ALA A 114 15.85 1.49 -13.89
CA ALA A 114 16.55 0.33 -14.40
C ALA A 114 15.65 -0.62 -15.15
N ASP A 115 14.45 -0.81 -14.62
CA ASP A 115 13.49 -1.79 -15.17
C ASP A 115 12.86 -1.25 -16.43
N LEU A 116 12.33 -0.02 -16.33
CA LEU A 116 11.49 0.52 -17.40
C LEU A 116 12.19 1.40 -18.38
N GLY A 117 13.36 1.91 -17.99
CA GLY A 117 14.08 2.78 -18.90
C GLY A 117 13.65 4.23 -18.88
N TYR A 118 12.70 4.57 -18.04
CA TYR A 118 12.20 5.93 -17.90
C TYR A 118 13.20 6.79 -17.11
N PRO A 119 13.13 8.13 -17.31
CA PRO A 119 13.96 9.01 -16.52
C PRO A 119 13.53 9.02 -15.08
N LEU A 120 14.36 9.47 -14.17
CA LEU A 120 13.87 9.60 -12.82
C LEU A 120 12.66 10.50 -12.77
N PRO A 121 11.67 10.16 -11.93
CA PRO A 121 10.52 11.03 -11.79
C PRO A 121 10.87 12.41 -11.28
N SER A 122 10.03 13.39 -11.60
CA SER A 122 10.23 14.74 -11.14
C SER A 122 10.05 14.91 -9.61
N ASN A 123 9.17 14.13 -9.02
CA ASN A 123 8.90 14.20 -7.60
C ASN A 123 8.48 12.87 -7.09
N GLY A 124 8.18 12.77 -5.79
CA GLY A 124 7.81 11.49 -5.20
C GLY A 124 6.37 11.18 -5.07
N ASP A 125 5.53 11.90 -5.80
CA ASP A 125 4.09 11.72 -5.73
C ASP A 125 3.66 10.55 -6.65
N LEU A 126 3.16 9.49 -6.00
CA LEU A 126 2.72 8.26 -6.67
C LEU A 126 1.23 8.25 -6.98
N THR A 127 0.57 9.39 -6.75
CA THR A 127 -0.87 9.40 -7.09
C THR A 127 -1.17 8.98 -8.53
N PRO A 128 -0.34 9.23 -9.55
CA PRO A 128 -0.69 8.69 -10.84
C PRO A 128 -0.88 7.20 -10.85
N TRP A 129 -0.05 6.47 -10.11
CA TRP A 129 -0.23 5.01 -10.03
C TRP A 129 -1.57 4.69 -9.43
N ALA A 130 -1.92 5.36 -8.33
CA ALA A 130 -3.21 5.09 -7.68
C ALA A 130 -4.38 5.39 -8.58
N GLN A 131 -4.25 6.42 -9.42
CA GLN A 131 -5.30 6.81 -10.36
C GLN A 131 -5.39 5.89 -11.57
N ARG A 132 -4.45 5.00 -11.72
CA ARG A 132 -4.36 4.10 -12.86
C ARG A 132 -4.53 2.64 -12.46
N GLY A 133 -5.04 2.42 -11.27
CA GLY A 133 -5.38 1.04 -10.87
C GLY A 133 -4.36 0.34 -10.01
N VAL A 134 -3.42 1.07 -9.41
CA VAL A 134 -2.46 0.47 -8.50
C VAL A 134 -2.89 0.80 -7.08
N LEU A 135 -3.17 -0.19 -6.25
CA LEU A 135 -3.44 0.00 -4.84
C LEU A 135 -2.15 0.12 -4.07
N LEU A 136 -1.95 1.21 -3.36
CA LEU A 136 -0.69 1.47 -2.65
C LEU A 136 -0.94 1.23 -1.15
N LEU A 137 -0.82 -0.06 -0.79
CA LEU A 137 -1.19 -0.50 0.55
C LEU A 137 0.05 -0.73 1.41
N ASN A 138 -0.10 -0.68 2.72
CA ASN A 138 0.83 -1.19 3.68
C ASN A 138 0.17 -2.26 4.53
N ARG A 139 0.95 -3.21 5.05
CA ARG A 139 0.35 -4.22 5.90
C ARG A 139 -0.30 -3.64 7.14
N VAL A 140 0.35 -2.58 7.64
CA VAL A 140 -0.09 -1.85 8.83
C VAL A 140 -0.23 -0.39 8.42
N LEU A 141 -1.31 0.28 8.82
CA LEU A 141 -1.67 1.57 8.23
C LEU A 141 -1.32 2.79 9.02
N THR A 142 -0.76 2.61 10.24
CA THR A 142 -0.27 3.73 11.02
C THR A 142 1.07 3.32 11.67
N VAL A 143 1.78 4.37 12.12
CA VAL A 143 3.07 4.19 12.83
C VAL A 143 3.22 5.34 13.75
N ARG A 144 3.91 5.14 14.89
CA ARG A 144 4.30 6.26 15.73
C ARG A 144 5.53 6.96 15.12
N PRO A 145 5.54 8.28 15.10
CA PRO A 145 6.72 8.97 14.56
C PRO A 145 8.04 8.43 15.09
N SER A 146 8.99 8.28 14.14
CA SER A 146 10.39 7.86 14.44
C SER A 146 10.54 6.44 14.86
N ASN A 147 9.45 5.66 14.83
CA ASN A 147 9.50 4.30 15.36
C ASN A 147 8.92 3.29 14.37
N PRO A 148 9.66 2.92 13.33
CA PRO A 148 9.14 1.94 12.39
C PRO A 148 8.61 0.69 13.07
N ALA A 149 7.50 0.18 12.57
CA ALA A 149 6.87 -1.07 13.05
C ALA A 149 6.21 -0.94 14.42
N SER A 150 6.14 0.26 14.96
CA SER A 150 5.58 0.44 16.29
C SER A 150 4.10 0.06 16.41
N HIS A 151 3.36 0.07 15.30
CA HIS A 151 1.97 -0.35 15.38
C HIS A 151 1.76 -1.78 14.88
N ARG A 152 2.85 -2.54 14.66
CA ARG A 152 2.69 -3.95 14.30
C ARG A 152 1.93 -4.67 15.36
N GLY A 153 0.98 -5.51 14.94
CA GLY A 153 0.26 -6.36 15.90
C GLY A 153 -0.80 -5.67 16.69
N LYS A 154 -1.17 -4.46 16.31
CA LYS A 154 -2.16 -3.67 17.05
C LYS A 154 -3.54 -3.70 16.45
N GLY A 155 -3.75 -4.49 15.39
CA GLY A 155 -5.07 -4.70 14.81
C GLY A 155 -5.22 -4.35 13.36
N TRP A 156 -4.24 -3.67 12.74
CA TRP A 156 -4.42 -3.37 11.32
C TRP A 156 -4.30 -4.59 10.44
N GLU A 157 -3.55 -5.62 10.87
CA GLU A 157 -3.34 -6.75 10.02
C GLU A 157 -4.67 -7.38 9.57
N ALA A 158 -5.66 -7.47 10.45
CA ALA A 158 -6.90 -8.06 10.04
C ALA A 158 -7.57 -7.24 8.95
N VAL A 159 -7.41 -5.92 9.00
CA VAL A 159 -8.00 -5.02 7.99
C VAL A 159 -7.37 -5.24 6.62
N THR A 160 -6.02 -5.27 6.58
CA THR A 160 -5.37 -5.42 5.31
C THR A 160 -5.48 -6.85 4.75
N GLU A 161 -5.54 -7.85 5.63
CA GLU A 161 -5.88 -9.20 5.22
C GLU A 161 -7.24 -9.22 4.51
N CYS A 162 -8.22 -8.59 5.12
CA CYS A 162 -9.56 -8.56 4.55
C CYS A 162 -9.55 -7.90 3.18
N ALA A 163 -8.81 -6.78 3.06
CA ALA A 163 -8.69 -6.09 1.78
C ALA A 163 -8.14 -6.97 0.70
N ILE A 164 -7.07 -7.70 1.00
CA ILE A 164 -6.50 -8.61 -0.03
C ILE A 164 -7.45 -9.74 -0.36
N ARG A 165 -8.08 -10.32 0.65
CA ARG A 165 -9.00 -11.40 0.37
C ARG A 165 -10.11 -10.92 -0.55
N ALA A 166 -10.63 -9.75 -0.26
CA ALA A 166 -11.72 -9.24 -1.05
C ALA A 166 -11.29 -8.99 -2.50
N LEU A 167 -10.11 -8.36 -2.69
CA LEU A 167 -9.59 -8.15 -4.03
C LEU A 167 -9.42 -9.49 -4.75
N ALA A 168 -8.89 -10.48 -4.07
CA ALA A 168 -8.63 -11.81 -4.66
C ALA A 168 -9.93 -12.52 -5.06
N ALA A 169 -11.03 -12.22 -4.41
CA ALA A 169 -12.30 -12.85 -4.65
C ALA A 169 -13.05 -12.25 -5.83
N ARG A 170 -12.69 -11.02 -6.20
CA ARG A 170 -13.30 -10.40 -7.36
C ARG A 170 -13.12 -11.21 -8.62
N ALA A 171 -14.10 -11.12 -9.51
CA ALA A 171 -14.05 -11.81 -10.80
C ALA A 171 -13.19 -11.05 -11.77
N ALA A 172 -11.91 -11.04 -11.48
CA ALA A 172 -10.95 -10.21 -12.15
C ALA A 172 -9.55 -10.71 -11.86
N PRO A 173 -8.63 -10.50 -12.79
CA PRO A 173 -7.22 -10.75 -12.48
C PRO A 173 -6.66 -9.77 -11.47
N LEU A 174 -5.64 -10.24 -10.73
CA LEU A 174 -4.93 -9.39 -9.74
C LEU A 174 -3.48 -9.77 -9.74
N VAL A 175 -2.61 -8.77 -9.81
CA VAL A 175 -1.15 -8.96 -9.58
C VAL A 175 -0.77 -8.24 -8.31
N ALA A 176 -0.10 -8.96 -7.41
CA ALA A 176 0.38 -8.36 -6.16
C ALA A 176 1.88 -8.26 -6.18
N ILE A 177 2.41 -7.14 -5.73
CA ILE A 177 3.81 -6.92 -5.49
C ILE A 177 3.97 -6.74 -3.98
N LEU A 178 4.66 -7.70 -3.36
CA LEU A 178 4.81 -7.76 -1.92
C LEU A 178 6.23 -7.40 -1.56
N TRP A 179 6.43 -6.24 -0.96
CA TRP A 179 7.77 -5.77 -0.65
C TRP A 179 8.04 -5.92 0.82
N GLY A 180 8.89 -6.92 1.16
CA GLY A 180 9.31 -7.12 2.54
C GLY A 180 8.54 -8.21 3.26
N ARG A 181 9.00 -8.50 4.47
CA ARG A 181 8.51 -9.65 5.24
C ARG A 181 7.09 -9.49 5.69
N ASP A 182 6.70 -8.33 6.18
CA ASP A 182 5.34 -8.18 6.68
C ASP A 182 4.36 -8.27 5.49
N ALA A 183 4.67 -7.64 4.36
CA ALA A 183 3.83 -7.74 3.17
C ALA A 183 3.68 -9.20 2.73
N SER A 184 4.75 -9.98 2.84
CA SER A 184 4.75 -11.37 2.39
C SER A 184 3.74 -12.24 3.17
N THR A 185 3.32 -11.84 4.35
CA THR A 185 2.30 -12.60 5.09
C THR A 185 0.97 -12.58 4.42
N LEU A 186 0.75 -11.78 3.37
CA LEU A 186 -0.47 -11.78 2.59
C LEU A 186 -0.44 -12.85 1.49
N LYS A 187 0.70 -13.47 1.27
CA LYS A 187 0.78 -14.43 0.15
C LYS A 187 -0.27 -15.57 0.22
N PRO A 188 -0.51 -16.16 1.41
CA PRO A 188 -1.49 -17.27 1.44
C PRO A 188 -2.87 -16.91 0.89
N MET A 189 -3.25 -15.67 1.10
CA MET A 189 -4.58 -15.20 0.71
C MET A 189 -4.77 -15.00 -0.81
N LEU A 190 -3.66 -15.04 -1.51
CA LEU A 190 -3.61 -14.84 -2.98
C LEU A 190 -3.59 -16.20 -3.73
N ALA A 191 -3.97 -17.32 -3.07
CA ALA A 191 -3.81 -18.69 -3.67
C ALA A 191 -4.62 -18.90 -4.96
N ALA A 192 -5.76 -18.21 -5.12
CA ALA A 192 -6.67 -18.55 -6.23
C ALA A 192 -6.01 -18.22 -7.57
N GLY A 193 -6.47 -18.89 -8.62
CA GLY A 193 -5.86 -18.85 -9.92
C GLY A 193 -5.94 -17.53 -10.67
N ASN A 194 -6.81 -16.62 -10.21
CA ASN A 194 -6.90 -15.30 -10.80
C ASN A 194 -5.88 -14.33 -10.23
N CYS A 195 -5.06 -14.76 -9.26
CA CYS A 195 -4.14 -13.88 -8.55
C CYS A 195 -2.73 -14.42 -8.68
N VAL A 196 -1.79 -13.52 -8.87
N VAL A 196 -1.78 -13.51 -8.89
CA VAL A 196 -0.40 -13.95 -8.86
CA VAL A 196 -0.32 -13.85 -9.00
C VAL A 196 0.44 -12.93 -8.11
C VAL A 196 0.41 -12.91 -8.06
N ALA A 197 1.41 -13.39 -7.31
CA ALA A 197 2.19 -12.54 -6.43
C ALA A 197 3.65 -12.55 -6.85
N ILE A 198 4.21 -11.35 -6.86
CA ILE A 198 5.65 -11.09 -6.95
C ILE A 198 6.10 -10.77 -5.53
N GLU A 199 7.13 -11.42 -5.03
CA GLU A 199 7.68 -11.16 -3.68
C GLU A 199 9.15 -10.77 -3.81
N SER A 200 9.54 -9.71 -3.12
N SER A 200 9.51 -9.72 -3.11
CA SER A 200 10.97 -9.42 -3.00
CA SER A 200 10.90 -9.29 -3.10
C SER A 200 11.26 -8.75 -1.70
C SER A 200 11.25 -8.71 -1.72
N PRO A 201 12.55 -8.68 -1.38
CA PRO A 201 12.96 -7.86 -0.25
C PRO A 201 12.46 -6.42 -0.35
N HIS A 202 12.30 -5.80 0.82
CA HIS A 202 11.84 -4.45 0.90
C HIS A 202 12.89 -3.48 0.32
N PRO A 203 12.43 -2.39 -0.30
CA PRO A 203 13.36 -1.40 -0.88
C PRO A 203 14.13 -0.52 0.08
N SER A 204 13.86 -0.60 1.37
CA SER A 204 14.70 0.15 2.30
C SER A 204 16.17 -0.21 2.17
N PRO A 205 17.09 0.73 2.44
CA PRO A 205 18.51 0.37 2.47
C PRO A 205 18.87 -0.86 3.27
N LEU A 206 18.09 -1.18 4.30
CA LEU A 206 18.47 -2.33 5.14
C LEU A 206 18.32 -3.66 4.42
N SER A 207 17.47 -3.72 3.38
CA SER A 207 17.23 -4.96 2.69
C SER A 207 17.30 -4.90 1.19
N ALA A 208 17.40 -3.72 0.59
CA ALA A 208 17.29 -3.63 -0.87
C ALA A 208 18.32 -4.42 -1.60
N SER A 209 19.52 -4.53 -1.04
CA SER A 209 20.63 -5.22 -1.70
C SER A 209 20.50 -6.72 -1.59
N ARG A 210 19.49 -7.23 -0.90
CA ARG A 210 19.20 -8.65 -0.83
C ARG A 210 18.30 -9.15 -1.94
N GLY A 211 17.93 -8.31 -2.89
CA GLY A 211 17.10 -8.75 -3.98
C GLY A 211 16.04 -7.78 -4.42
N PHE A 212 15.91 -6.59 -3.83
CA PHE A 212 15.01 -5.59 -4.39
C PHE A 212 15.59 -5.03 -5.67
N PHE A 213 16.85 -4.58 -5.63
CA PHE A 213 17.45 -4.07 -6.84
C PHE A 213 17.62 -5.24 -7.83
N GLY A 214 17.25 -4.99 -9.09
CA GLY A 214 17.25 -6.05 -10.11
C GLY A 214 15.98 -6.84 -10.18
N SER A 215 15.01 -6.60 -9.28
CA SER A 215 13.78 -7.39 -9.24
C SER A 215 12.79 -7.09 -10.38
N ARG A 216 12.93 -5.97 -11.04
CA ARG A 216 12.09 -5.65 -12.21
C ARG A 216 10.59 -5.86 -11.96
N PRO A 217 10.05 -5.30 -10.85
CA PRO A 217 8.67 -5.64 -10.54
C PRO A 217 7.65 -5.02 -11.48
N PHE A 218 7.99 -3.88 -12.07
CA PHE A 218 7.03 -3.14 -12.88
C PHE A 218 6.77 -3.83 -14.20
N SER A 219 7.86 -4.19 -14.89
CA SER A 219 7.70 -4.94 -16.16
C SER A 219 7.14 -6.34 -15.90
N ARG A 220 7.56 -6.96 -14.79
CA ARG A 220 7.00 -8.31 -14.51
C ARG A 220 5.52 -8.22 -14.24
N ALA A 221 5.07 -7.22 -13.47
CA ALA A 221 3.64 -7.09 -13.22
C ALA A 221 2.88 -6.93 -14.53
N ASN A 222 3.43 -6.15 -15.46
CA ASN A 222 2.72 -5.97 -16.73
C ASN A 222 2.70 -7.23 -17.58
N GLU A 223 3.78 -8.01 -17.59
N GLU A 223 3.79 -7.99 -17.58
CA GLU A 223 3.76 -9.31 -18.28
CA GLU A 223 3.81 -9.28 -18.26
C GLU A 223 2.70 -10.21 -17.68
C GLU A 223 2.73 -10.18 -17.69
N LEU A 224 2.59 -10.20 -16.37
CA LEU A 224 1.55 -11.01 -15.70
C LEU A 224 0.17 -10.54 -16.04
N LEU A 225 -0.08 -9.23 -16.04
CA LEU A 225 -1.40 -8.71 -16.42
C LEU A 225 -1.74 -9.13 -17.86
N VAL A 226 -0.84 -8.92 -18.77
CA VAL A 226 -1.11 -9.27 -20.17
C VAL A 226 -1.40 -10.76 -20.27
N GLY A 227 -0.64 -11.58 -19.56
CA GLY A 227 -0.83 -13.01 -19.58
C GLY A 227 -2.17 -13.47 -19.02
N MET A 228 -2.83 -12.60 -18.25
CA MET A 228 -4.16 -12.89 -17.72
C MET A 228 -5.25 -12.22 -18.52
N GLY A 229 -4.91 -11.55 -19.61
CA GLY A 229 -5.89 -10.82 -20.41
C GLY A 229 -6.23 -9.42 -19.92
N ALA A 230 -5.46 -8.86 -19.01
CA ALA A 230 -5.72 -7.53 -18.48
C ALA A 230 -4.80 -6.53 -19.16
N GLU A 231 -5.20 -5.27 -19.09
CA GLU A 231 -4.35 -4.19 -19.58
C GLU A 231 -3.17 -3.95 -18.65
N PRO A 232 -1.97 -3.73 -19.21
CA PRO A 232 -0.83 -3.38 -18.37
C PRO A 232 -1.00 -2.00 -17.70
N ILE A 233 -0.25 -1.79 -16.60
CA ILE A 233 -0.21 -0.46 -15.97
C ILE A 233 0.68 0.46 -16.76
N ASP A 234 0.25 1.72 -16.97
CA ASP A 234 1.21 2.75 -17.42
C ASP A 234 1.90 3.27 -16.16
N TRP A 235 3.14 2.81 -15.96
CA TRP A 235 3.88 3.18 -14.79
C TRP A 235 4.54 4.54 -14.89
N ARG A 236 4.50 5.16 -16.08
CA ARG A 236 5.31 6.37 -16.28
C ARG A 236 4.88 7.54 -15.39
N LEU A 237 5.80 8.04 -14.57
CA LEU A 237 5.55 9.17 -13.81
C LEU A 237 6.11 10.41 -14.49
N PRO A 238 5.50 11.58 -14.30
CA PRO A 238 6.07 12.79 -14.91
C PRO A 238 7.31 13.26 -14.26
C1 CIT B . 15.80 -5.05 8.74
O1 CIT B . 16.80 -5.51 9.26
O2 CIT B . 15.23 -4.11 9.25
C2 CIT B . 15.26 -5.65 7.46
C3 CIT B . 13.74 -5.49 7.28
O7 CIT B . 13.44 -4.09 7.29
C4 CIT B . 13.27 -6.11 5.99
C5 CIT B . 11.72 -6.30 5.92
O3 CIT B . 11.35 -6.97 5.03
O4 CIT B . 10.99 -5.78 6.73
C6 CIT B . 13.03 -6.13 8.43
O5 CIT B . 13.12 -7.38 8.51
O6 CIT B . 12.38 -5.42 9.23
N1 URF C . 8.04 1.77 3.87
N1 URF C . 6.68 3.92 3.30
C2 URF C . 6.98 1.07 3.70
C2 URF C . 5.63 3.12 3.23
N3 URF C . 5.78 1.63 3.33
N3 URF C . 5.73 1.80 3.41
C4 URF C . 5.62 2.88 3.14
C4 URF C . 6.89 1.15 3.67
C5 URF C . 6.82 3.66 3.34
C5 URF C . 8.02 2.05 3.74
C6 URF C . 8.02 3.09 3.70
C6 URF C . 7.85 3.41 3.55
O2 URF C . 7.08 -0.14 3.87
O2 URF C . 4.46 3.55 3.01
O4 URF C . 4.51 3.40 2.81
O4 URF C . 6.94 -0.11 3.82
F5 URF C . 6.67 4.91 3.14
F5 URF C . 9.25 1.62 3.98
C1 IPA D . 13.96 -10.25 -12.00
C2 IPA D . 14.13 -9.96 -13.57
C3 IPA D . 14.99 -11.12 -14.11
O2 IPA D . 12.95 -10.19 -14.37
CL CL E . 4.88 10.44 19.52
#